data_4MBC
#
_entry.id   4MBC
#
_cell.length_a   73.238
_cell.length_b   94.552
_cell.length_c   61.153
_cell.angle_alpha   90.00
_cell.angle_beta   90.00
_cell.angle_gamma   90.00
#
_symmetry.space_group_name_H-M   'C 2 2 21'
#
loop_
_entity.id
_entity.type
_entity.pdbx_description
1 polymer 'DNA topoisomerase IV, B subunit'
2 non-polymer 1-{5-[2-(morpholin-4-yl)ethoxy]-6-(pyridin-3-yl)[1,3]thiazolo[5,4-b]pyridin-2-yl}-3-prop-2-en-1-ylurea
3 water water
#
_entity_poly.entity_id   1
_entity_poly.type   'polypeptide(L)'
_entity_poly.pdbx_seq_one_letter_code
;MSKKEININNYNDDAIQVLEGLDAVRKRPGMYIGSTDGAGLHHLVWEIVDNAVDEALSGFGDRIDVTINKDGSLTVQDHG
RGMPTGMHAMGIPTVEVIFTILHAGGKFGQGGYKTSGGLHGVGSSVVNALSSWLEVEITRDGAVYKQRFENGGKPVTTLK
KIGTALKSKTGTKVTFMPDATIFSTTDFKYNTISERLNESAFLLKNVTLSLTDKRTDEAIEFHYEN
;
_entity_poly.pdbx_strand_id   A
#
# COMPACT_ATOMS: atom_id res chain seq x y z
N GLN A 17 -10.98 -5.24 -22.75
CA GLN A 17 -10.62 -5.24 -21.29
C GLN A 17 -11.90 -5.45 -20.44
N VAL A 18 -11.98 -6.58 -19.73
CA VAL A 18 -13.15 -6.87 -18.88
C VAL A 18 -12.79 -6.43 -17.45
N LEU A 19 -13.51 -5.46 -16.91
CA LEU A 19 -13.28 -5.02 -15.55
C LEU A 19 -14.01 -5.97 -14.59
N GLU A 20 -13.42 -6.19 -13.44
CA GLU A 20 -14.05 -7.01 -12.41
C GLU A 20 -14.05 -6.30 -11.08
N GLY A 21 -14.94 -6.76 -10.21
CA GLY A 21 -14.94 -6.34 -8.83
C GLY A 21 -14.00 -7.20 -7.95
N LEU A 22 -13.91 -6.82 -6.68
CA LEU A 22 -12.95 -7.45 -5.79
C LEU A 22 -13.27 -8.88 -5.39
N ASP A 23 -14.55 -9.25 -5.46
CA ASP A 23 -14.97 -10.68 -5.32
C ASP A 23 -14.16 -11.66 -6.18
N ALA A 24 -13.80 -11.25 -7.41
CA ALA A 24 -13.03 -12.09 -8.33
C ALA A 24 -11.66 -12.46 -7.78
N VAL A 25 -11.03 -11.50 -7.11
CA VAL A 25 -9.73 -11.70 -6.56
C VAL A 25 -9.89 -12.67 -5.36
N ARG A 26 -10.91 -12.42 -4.57
CA ARG A 26 -11.10 -13.18 -3.31
C ARG A 26 -11.46 -14.62 -3.63
N LYS A 27 -12.06 -14.85 -4.80
CA LYS A 27 -12.41 -16.24 -5.17
C LYS A 27 -11.26 -17.04 -5.86
N ARG A 28 -10.31 -16.34 -6.44
CA ARG A 28 -9.16 -16.94 -7.09
C ARG A 28 -7.91 -16.12 -6.72
N PRO A 29 -7.56 -16.10 -5.42
CA PRO A 29 -6.41 -15.26 -5.06
C PRO A 29 -5.09 -15.70 -5.74
N GLY A 30 -4.86 -17.00 -5.91
CA GLY A 30 -3.64 -17.52 -6.56
C GLY A 30 -3.36 -16.96 -7.95
N MET A 31 -4.42 -16.59 -8.68
CA MET A 31 -4.31 -16.01 -10.02
C MET A 31 -3.64 -14.62 -9.99
N TYR A 32 -3.77 -13.94 -8.86
CA TYR A 32 -3.26 -12.58 -8.69
C TYR A 32 -1.97 -12.49 -7.90
N ILE A 33 -1.80 -13.33 -6.88
CA ILE A 33 -0.67 -13.25 -5.97
C ILE A 33 0.11 -14.57 -5.86
N GLY A 34 -0.27 -15.54 -6.70
CA GLY A 34 0.51 -16.74 -6.87
C GLY A 34 0.14 -17.84 -5.89
N SER A 35 -0.17 -17.50 -4.64
CA SER A 35 -0.42 -18.50 -3.60
C SER A 35 -1.03 -17.80 -2.38
N THR A 36 -1.49 -18.58 -1.40
CA THR A 36 -2.08 -18.00 -0.18
C THR A 36 -1.27 -18.33 1.08
N ASP A 37 -0.04 -18.79 0.87
CA ASP A 37 0.93 -19.01 1.95
C ASP A 37 1.73 -17.72 2.17
N GLY A 38 2.87 -17.82 2.85
CA GLY A 38 3.72 -16.64 3.11
C GLY A 38 4.20 -15.95 1.86
N ALA A 39 4.44 -16.68 0.77
CA ALA A 39 4.87 -16.05 -0.48
C ALA A 39 3.79 -15.09 -0.97
N GLY A 40 2.54 -15.55 -0.94
CA GLY A 40 1.40 -14.73 -1.32
C GLY A 40 1.20 -13.51 -0.43
N LEU A 41 1.29 -13.77 0.88
CA LEU A 41 1.16 -12.76 1.92
C LEU A 41 2.15 -11.60 1.60
N HIS A 42 3.37 -11.98 1.27
CA HIS A 42 4.42 -11.01 1.08
C HIS A 42 4.30 -10.34 -0.29
N HIS A 43 3.70 -10.99 -1.27
CA HIS A 43 3.33 -10.33 -2.52
C HIS A 43 2.49 -9.11 -2.33
N LEU A 44 1.62 -9.11 -1.31
CA LEU A 44 0.81 -7.89 -0.99
C LEU A 44 1.72 -6.71 -0.66
N VAL A 45 2.74 -6.97 0.13
CA VAL A 45 3.77 -5.97 0.44
C VAL A 45 4.46 -5.48 -0.84
N TRP A 46 4.90 -6.41 -1.68
CA TRP A 46 5.60 -6.03 -2.89
C TRP A 46 4.75 -5.13 -3.80
N GLU A 47 3.44 -5.38 -3.91
CA GLU A 47 2.58 -4.58 -4.75
C GLU A 47 2.54 -3.12 -4.30
N ILE A 48 2.34 -2.91 -3.02
CA ILE A 48 2.25 -1.57 -2.44
C ILE A 48 3.59 -0.87 -2.48
N VAL A 49 4.62 -1.58 -2.05
CA VAL A 49 5.97 -1.02 -2.10
C VAL A 49 6.32 -0.63 -3.54
N ASP A 50 6.02 -1.50 -4.52
CA ASP A 50 6.32 -1.24 -5.91
C ASP A 50 5.64 0.05 -6.40
N ASN A 51 4.40 0.30 -6.00
CA ASN A 51 3.73 1.56 -6.35
C ASN A 51 4.48 2.79 -5.78
N ALA A 52 5.01 2.69 -4.56
CA ALA A 52 5.80 3.78 -3.93
C ALA A 52 7.10 3.97 -4.70
N VAL A 53 7.77 2.85 -5.02
CA VAL A 53 9.01 2.86 -5.81
C VAL A 53 8.82 3.46 -7.22
N ASP A 54 7.74 3.12 -7.93
CA ASP A 54 7.44 3.71 -9.25
C ASP A 54 7.30 5.23 -9.17
N GLU A 55 6.65 5.70 -8.13
CA GLU A 55 6.48 7.11 -7.91
C GLU A 55 7.85 7.81 -7.68
N ALA A 56 8.72 7.18 -6.89
CA ALA A 56 10.06 7.70 -6.62
C ALA A 56 10.89 7.63 -7.89
N LEU A 57 10.71 6.56 -8.67
CA LEU A 57 11.47 6.39 -9.91
C LEU A 57 11.12 7.55 -10.89
N SER A 58 9.85 7.97 -10.87
CA SER A 58 9.40 9.13 -11.65
C SER A 58 9.92 10.50 -11.11
N GLY A 59 10.64 10.44 -9.99
CA GLY A 59 11.29 11.61 -9.36
C GLY A 59 10.54 12.27 -8.21
N PHE A 60 9.51 11.58 -7.69
CA PHE A 60 8.67 12.14 -6.63
C PHE A 60 8.86 11.35 -5.35
N GLY A 61 9.61 11.96 -4.42
CA GLY A 61 9.86 11.36 -3.08
C GLY A 61 11.25 10.77 -2.93
N ASP A 62 11.88 11.01 -1.79
CA ASP A 62 13.24 10.47 -1.57
C ASP A 62 13.30 9.51 -0.41
N ARG A 63 12.14 9.18 0.13
CA ARG A 63 12.08 8.10 1.16
C ARG A 63 10.81 7.33 1.13
N ILE A 64 10.94 6.04 1.42
CA ILE A 64 9.79 5.14 1.45
C ILE A 64 9.93 4.36 2.73
N ASP A 65 8.96 4.54 3.62
CA ASP A 65 9.00 3.97 4.97
C ASP A 65 7.97 2.86 5.12
N VAL A 66 8.45 1.71 5.54
CA VAL A 66 7.61 0.54 5.70
C VAL A 66 7.60 0.19 7.22
N THR A 67 6.42 -0.01 7.78
CA THR A 67 6.29 -0.37 9.20
C THR A 67 5.42 -1.63 9.36
N ILE A 68 5.93 -2.60 10.13
CA ILE A 68 5.14 -3.79 10.51
C ILE A 68 4.55 -3.39 11.85
N ASN A 69 3.25 -3.18 11.87
CA ASN A 69 2.55 -2.69 13.07
C ASN A 69 2.29 -3.81 14.09
N LYS A 70 2.08 -3.42 15.34
CA LYS A 70 1.90 -4.43 16.42
C LYS A 70 0.67 -5.27 16.22
N ASP A 71 -0.36 -4.67 15.63
CA ASP A 71 -1.61 -5.36 15.35
C ASP A 71 -1.58 -6.31 14.17
N GLY A 72 -0.44 -6.45 13.49
CA GLY A 72 -0.33 -7.33 12.33
C GLY A 72 -0.49 -6.62 11.01
N SER A 73 -0.88 -5.35 11.04
CA SER A 73 -1.04 -4.62 9.77
C SER A 73 0.32 -4.17 9.29
N LEU A 74 0.35 -3.65 8.08
CA LEU A 74 1.59 -3.20 7.49
C LEU A 74 1.32 -1.83 6.81
N THR A 75 2.21 -0.86 7.04
CA THR A 75 2.07 0.46 6.47
C THR A 75 3.21 0.72 5.50
N VAL A 76 2.89 1.35 4.35
CA VAL A 76 3.92 1.86 3.46
C VAL A 76 3.63 3.33 3.28
N GLN A 77 4.62 4.18 3.44
CA GLN A 77 4.46 5.62 3.27
C GLN A 77 5.45 6.19 2.26
N ASP A 78 4.91 6.90 1.28
CA ASP A 78 5.79 7.60 0.38
C ASP A 78 5.55 9.12 0.53
N HIS A 79 6.47 9.86 -0.08
CA HIS A 79 6.50 11.35 -0.12
C HIS A 79 6.45 11.87 -1.57
N GLY A 80 5.76 11.09 -2.41
CA GLY A 80 5.49 11.41 -3.80
C GLY A 80 4.39 12.47 -3.90
N ARG A 81 3.76 12.55 -5.05
CA ARG A 81 2.83 13.66 -5.32
C ARG A 81 1.49 13.52 -4.55
N GLY A 82 1.19 12.30 -4.08
CA GLY A 82 -0.13 11.95 -3.52
C GLY A 82 -1.06 11.49 -4.62
N MET A 83 -1.71 10.34 -4.42
CA MET A 83 -2.73 9.91 -5.39
C MET A 83 -3.72 11.04 -5.64
N PRO A 84 -4.21 11.16 -6.89
CA PRO A 84 -5.19 12.20 -7.14
C PRO A 84 -6.40 12.09 -6.21
N THR A 85 -6.84 13.25 -5.79
CA THR A 85 -7.85 13.38 -4.75
C THR A 85 -9.22 13.77 -5.30
N GLY A 86 -9.33 13.86 -6.63
CA GLY A 86 -10.58 14.21 -7.26
C GLY A 86 -11.55 13.07 -7.49
N MET A 87 -12.53 13.36 -8.32
CA MET A 87 -13.57 12.39 -8.62
C MET A 87 -13.48 11.83 -10.02
N HIS A 88 -13.96 10.60 -10.12
CA HIS A 88 -14.29 9.88 -11.36
C HIS A 88 -15.81 10.10 -11.58
N ALA A 89 -16.52 9.17 -12.20
CA ALA A 89 -17.90 9.33 -12.50
C ALA A 89 -18.72 9.22 -11.22
N MET A 90 -19.92 9.80 -11.26
CA MET A 90 -20.94 9.56 -10.21
C MET A 90 -20.46 9.90 -8.80
N GLY A 91 -19.58 10.88 -8.68
CA GLY A 91 -19.10 11.30 -7.36
C GLY A 91 -18.22 10.29 -6.64
N ILE A 92 -17.69 9.32 -7.36
CA ILE A 92 -16.81 8.32 -6.79
C ILE A 92 -15.38 8.84 -6.89
N PRO A 93 -14.66 8.93 -5.74
CA PRO A 93 -13.26 9.36 -5.81
C PRO A 93 -12.42 8.45 -6.73
N THR A 94 -11.53 9.06 -7.49
CA THR A 94 -10.48 8.37 -8.26
C THR A 94 -9.76 7.32 -7.45
N VAL A 95 -9.43 7.66 -6.20
CA VAL A 95 -8.76 6.71 -5.31
C VAL A 95 -9.64 5.48 -5.05
N GLU A 96 -10.94 5.68 -4.88
CA GLU A 96 -11.85 4.54 -4.64
C GLU A 96 -11.87 3.65 -5.88
N VAL A 97 -11.90 4.26 -7.05
CA VAL A 97 -11.81 3.50 -8.29
C VAL A 97 -10.53 2.64 -8.39
N ILE A 98 -9.40 3.24 -8.06
CA ILE A 98 -8.09 2.56 -8.06
C ILE A 98 -8.10 1.33 -7.15
N PHE A 99 -8.74 1.49 -5.99
CA PHE A 99 -8.74 0.47 -4.95
C PHE A 99 -9.87 -0.56 -5.04
N THR A 100 -10.82 -0.34 -5.92
CA THR A 100 -11.98 -1.23 -5.97
C THR A 100 -12.35 -1.82 -7.32
N ILE A 101 -11.68 -1.44 -8.41
CA ILE A 101 -11.89 -2.05 -9.71
C ILE A 101 -10.61 -2.73 -10.15
N LEU A 102 -10.75 -3.97 -10.57
CA LEU A 102 -9.66 -4.81 -11.02
C LEU A 102 -9.61 -4.70 -12.55
N HIS A 103 -8.49 -4.23 -13.05
CA HIS A 103 -8.29 -4.07 -14.50
C HIS A 103 -7.72 -5.39 -15.11
N ALA A 104 -8.01 -6.51 -14.44
CA ALA A 104 -7.59 -7.86 -14.87
C ALA A 104 -8.43 -8.32 -16.05
N VAL A 122 -2.56 -3.08 -11.31
CA VAL A 122 -3.69 -3.74 -10.59
C VAL A 122 -3.41 -3.97 -9.08
N GLY A 123 -2.19 -3.64 -8.64
CA GLY A 123 -1.77 -3.86 -7.24
C GLY A 123 -2.72 -3.42 -6.11
N SER A 124 -3.15 -2.15 -6.14
CA SER A 124 -3.89 -1.59 -5.02
C SER A 124 -5.20 -2.34 -4.80
N SER A 125 -5.92 -2.65 -5.88
CA SER A 125 -7.24 -3.29 -5.75
C SER A 125 -7.06 -4.73 -5.26
N VAL A 126 -6.02 -5.40 -5.74
CA VAL A 126 -5.72 -6.80 -5.32
C VAL A 126 -5.42 -6.87 -3.81
N VAL A 127 -4.63 -5.91 -3.31
CA VAL A 127 -4.32 -5.91 -1.86
C VAL A 127 -5.57 -5.58 -1.05
N ASN A 128 -6.33 -4.59 -1.51
CA ASN A 128 -7.61 -4.23 -0.89
C ASN A 128 -8.57 -5.45 -0.79
N ALA A 129 -8.69 -6.18 -1.88
CA ALA A 129 -9.54 -7.39 -1.94
C ALA A 129 -9.18 -8.44 -0.92
N LEU A 130 -7.89 -8.56 -0.64
CA LEU A 130 -7.34 -9.63 0.20
C LEU A 130 -7.02 -9.17 1.63
N SER A 131 -7.53 -7.99 1.99
CA SER A 131 -7.38 -7.33 3.28
C SER A 131 -8.72 -7.23 4.07
N SER A 132 -8.69 -7.54 5.39
CA SER A 132 -9.89 -7.36 6.20
C SER A 132 -10.12 -5.88 6.47
N TRP A 133 -9.07 -5.08 6.38
CA TRP A 133 -9.21 -3.63 6.26
C TRP A 133 -8.03 -2.99 5.59
N LEU A 134 -8.28 -1.80 5.04
CA LEU A 134 -7.27 -1.01 4.35
C LEU A 134 -7.60 0.47 4.50
N GLU A 135 -6.58 1.28 4.75
CA GLU A 135 -6.66 2.74 4.80
C GLU A 135 -5.66 3.37 3.88
N VAL A 136 -6.11 4.34 3.11
CA VAL A 136 -5.22 5.11 2.29
C VAL A 136 -5.33 6.55 2.75
N GLU A 137 -4.18 7.15 3.03
N GLU A 137 -4.19 7.19 2.91
CA GLU A 137 -4.11 8.58 3.40
CA GLU A 137 -4.15 8.58 3.40
C GLU A 137 -3.34 9.26 2.30
C GLU A 137 -3.27 9.36 2.45
N ILE A 138 -3.85 10.41 1.86
CA ILE A 138 -3.22 11.22 0.81
C ILE A 138 -3.04 12.63 1.34
N THR A 139 -1.85 13.15 1.16
CA THR A 139 -1.48 14.50 1.59
C THR A 139 -1.06 15.26 0.36
N ARG A 140 -1.73 16.39 0.13
CA ARG A 140 -1.38 17.34 -0.92
C ARG A 140 -2.28 18.56 -0.89
N ASP A 141 -1.71 19.64 -1.43
CA ASP A 141 -2.43 20.89 -1.68
C ASP A 141 -2.90 21.50 -0.36
N GLY A 142 -2.17 21.24 0.74
CA GLY A 142 -2.52 21.78 2.07
C GLY A 142 -3.54 20.93 2.86
N ALA A 143 -3.92 19.78 2.31
CA ALA A 143 -4.94 18.93 2.88
C ALA A 143 -4.47 17.46 3.04
N VAL A 144 -5.09 16.80 4.01
CA VAL A 144 -4.85 15.40 4.29
C VAL A 144 -6.20 14.73 4.17
N TYR A 145 -6.27 13.70 3.33
CA TYR A 145 -7.52 13.01 3.03
C TYR A 145 -7.37 11.55 3.41
N LYS A 146 -8.45 10.88 3.79
CA LYS A 146 -8.37 9.45 4.08
C LYS A 146 -9.61 8.71 3.59
N GLN A 147 -9.38 7.50 3.07
CA GLN A 147 -10.46 6.54 2.82
C GLN A 147 -10.17 5.21 3.50
N ARG A 148 -11.21 4.61 4.05
CA ARG A 148 -11.08 3.33 4.73
C ARG A 148 -12.01 2.32 4.07
N PHE A 149 -11.46 1.13 3.88
CA PHE A 149 -12.17 -0.03 3.34
C PHE A 149 -12.15 -1.16 4.37
N GLU A 150 -13.16 -2.03 4.34
CA GLU A 150 -13.18 -3.17 5.22
C GLU A 150 -13.75 -4.41 4.50
N ASN A 151 -13.37 -5.57 4.99
CA ASN A 151 -14.01 -6.84 4.61
C ASN A 151 -13.84 -7.10 3.10
N GLY A 152 -12.59 -7.08 2.69
CA GLY A 152 -12.25 -7.30 1.31
C GLY A 152 -12.56 -6.13 0.41
N GLY A 153 -12.39 -4.92 0.91
CA GLY A 153 -12.36 -3.76 0.02
C GLY A 153 -13.62 -3.00 -0.22
N LYS A 154 -14.60 -3.19 0.69
CA LYS A 154 -15.83 -2.41 0.68
C LYS A 154 -15.59 -1.05 1.38
N PRO A 155 -15.84 0.07 0.69
CA PRO A 155 -15.55 1.36 1.31
C PRO A 155 -16.51 1.60 2.47
N VAL A 156 -15.99 1.92 3.66
CA VAL A 156 -16.84 2.30 4.79
C VAL A 156 -16.84 3.81 5.04
N THR A 157 -15.98 4.51 4.29
CA THR A 157 -16.02 5.96 4.18
C THR A 157 -15.83 6.32 2.70
N THR A 158 -16.06 7.60 2.37
CA THR A 158 -15.62 8.17 1.12
C THR A 158 -14.17 8.70 1.34
N LEU A 159 -13.63 9.39 0.34
CA LEU A 159 -12.34 10.03 0.50
C LEU A 159 -12.62 11.35 1.22
N LYS A 160 -12.35 11.36 2.52
CA LYS A 160 -12.67 12.50 3.37
C LYS A 160 -11.47 13.30 3.80
N LYS A 161 -11.62 14.62 3.76
CA LYS A 161 -10.57 15.50 4.32
C LYS A 161 -10.60 15.34 5.85
N ILE A 162 -9.47 14.94 6.42
CA ILE A 162 -9.30 14.70 7.87
C ILE A 162 -8.45 15.80 8.56
N GLY A 163 -7.68 16.53 7.78
CA GLY A 163 -6.75 17.54 8.30
C GLY A 163 -6.07 18.41 7.26
N THR A 164 -5.11 19.20 7.75
CA THR A 164 -4.32 20.06 6.92
C THR A 164 -2.82 19.81 7.15
N ALA A 165 -2.02 20.24 6.19
CA ALA A 165 -0.58 20.16 6.22
C ALA A 165 -0.05 21.34 5.49
N LEU A 166 1.22 21.60 5.66
CA LEU A 166 1.88 22.65 4.87
C LEU A 166 1.68 22.33 3.39
N LYS A 167 1.56 23.37 2.57
CA LYS A 167 1.42 23.17 1.10
C LYS A 167 2.58 22.37 0.49
N SER A 168 3.76 22.48 1.07
CA SER A 168 4.95 21.71 0.64
C SER A 168 4.87 20.19 0.90
N LYS A 169 3.87 19.74 1.66
CA LYS A 169 3.83 18.37 2.09
C LYS A 169 2.98 17.57 1.08
N THR A 170 3.56 16.47 0.59
CA THR A 170 2.87 15.59 -0.31
C THR A 170 3.24 14.14 -0.03
N GLY A 171 2.32 13.29 -0.36
CA GLY A 171 2.55 11.84 -0.38
C GLY A 171 1.30 10.98 -0.23
N THR A 172 1.56 9.68 -0.25
CA THR A 172 0.56 8.61 -0.09
C THR A 172 1.01 7.66 1.03
N LYS A 173 0.04 7.25 1.84
CA LYS A 173 0.26 6.28 2.94
C LYS A 173 -0.82 5.18 2.80
N VAL A 174 -0.40 3.94 2.80
CA VAL A 174 -1.34 2.82 2.68
C VAL A 174 -1.05 1.86 3.81
N THR A 175 -2.10 1.50 4.53
CA THR A 175 -2.00 0.54 5.63
C THR A 175 -3.07 -0.52 5.43
N PHE A 176 -2.68 -1.79 5.57
CA PHE A 176 -3.58 -2.90 5.32
C PHE A 176 -3.37 -4.04 6.27
N MET A 177 -4.47 -4.74 6.56
CA MET A 177 -4.46 -5.90 7.43
C MET A 177 -4.81 -7.06 6.52
N PRO A 178 -3.85 -7.95 6.25
CA PRO A 178 -4.16 -9.12 5.40
C PRO A 178 -5.28 -9.97 5.98
N ASP A 179 -6.15 -10.51 5.11
CA ASP A 179 -7.33 -11.26 5.54
C ASP A 179 -6.96 -12.68 6.07
N ALA A 180 -7.10 -12.89 7.39
CA ALA A 180 -6.72 -14.18 8.01
C ALA A 180 -7.65 -15.31 7.58
N THR A 181 -8.79 -14.97 6.98
CA THR A 181 -9.68 -15.98 6.38
C THR A 181 -9.14 -16.51 5.02
N ILE A 182 -8.19 -15.80 4.40
CA ILE A 182 -7.63 -16.22 3.13
C ILE A 182 -6.23 -16.80 3.26
N PHE A 183 -5.35 -16.12 3.97
CA PHE A 183 -3.97 -16.58 4.09
C PHE A 183 -3.80 -17.60 5.18
N SER A 184 -2.93 -18.58 4.92
CA SER A 184 -2.55 -19.62 5.92
C SER A 184 -1.65 -19.07 7.00
N THR A 185 -0.90 -18.02 6.65
CA THR A 185 -0.09 -17.26 7.59
C THR A 185 -0.32 -15.76 7.36
N THR A 186 -0.48 -15.02 8.45
CA THR A 186 -0.57 -13.57 8.38
C THR A 186 0.60 -12.87 9.08
N ASP A 187 1.66 -13.61 9.40
N ASP A 187 1.67 -13.61 9.34
CA ASP A 187 2.86 -13.03 10.02
CA ASP A 187 2.90 -13.14 9.99
C ASP A 187 3.85 -12.57 8.96
C ASP A 187 3.89 -12.58 8.96
N PHE A 188 4.00 -11.25 8.86
CA PHE A 188 5.03 -10.69 8.01
C PHE A 188 6.41 -11.04 8.56
N LYS A 189 7.33 -11.37 7.66
CA LYS A 189 8.69 -11.72 8.08
C LYS A 189 9.63 -10.56 7.83
N TYR A 190 10.16 -10.03 8.92
CA TYR A 190 11.09 -8.85 8.85
C TYR A 190 12.27 -9.10 7.90
N ASN A 191 12.90 -10.28 8.01
CA ASN A 191 14.06 -10.55 7.16
C ASN A 191 13.73 -10.57 5.66
N THR A 192 12.55 -11.11 5.35
CA THR A 192 12.09 -11.21 3.97
C THR A 192 11.84 -9.84 3.37
N ILE A 193 11.18 -9.01 4.16
CA ILE A 193 10.89 -7.62 3.74
C ILE A 193 12.20 -6.80 3.67
N SER A 194 13.07 -6.96 4.64
CA SER A 194 14.36 -6.23 4.67
C SER A 194 15.16 -6.46 3.39
N GLU A 195 15.31 -7.73 3.02
CA GLU A 195 16.03 -8.14 1.81
C GLU A 195 15.43 -7.50 0.55
N ARG A 196 14.11 -7.55 0.42
CA ARG A 196 13.43 -7.01 -0.74
C ARG A 196 13.56 -5.49 -0.81
N LEU A 197 13.48 -4.80 0.33
CA LEU A 197 13.63 -3.33 0.34
C LEU A 197 15.09 -2.90 0.07
N ASN A 198 16.05 -3.71 0.55
CA ASN A 198 17.48 -3.49 0.26
C ASN A 198 17.69 -3.50 -1.28
N GLU A 199 17.16 -4.57 -1.92
CA GLU A 199 17.27 -4.75 -3.36
C GLU A 199 16.60 -3.60 -4.08
N SER A 200 15.41 -3.18 -3.62
CA SER A 200 14.68 -2.08 -4.24
C SER A 200 15.45 -0.79 -4.12
N ALA A 201 16.02 -0.55 -2.92
CA ALA A 201 16.90 0.63 -2.76
C ALA A 201 18.09 0.65 -3.75
N PHE A 202 18.69 -0.50 -3.91
CA PHE A 202 19.85 -0.65 -4.80
C PHE A 202 19.45 -0.37 -6.27
N LEU A 203 18.30 -0.86 -6.69
CA LEU A 203 17.85 -0.64 -8.07
C LEU A 203 17.41 0.83 -8.29
N LEU A 204 16.80 1.46 -7.27
CA LEU A 204 16.25 2.83 -7.42
C LEU A 204 17.33 3.93 -7.42
N LYS A 205 18.24 3.80 -6.47
CA LYS A 205 19.26 4.81 -6.18
C LYS A 205 18.68 6.08 -5.54
N ASN A 206 19.48 6.67 -4.65
CA ASN A 206 19.22 8.01 -4.08
C ASN A 206 17.86 8.14 -3.42
N VAL A 207 17.35 7.00 -2.93
CA VAL A 207 16.08 6.97 -2.20
C VAL A 207 16.29 6.10 -0.96
N THR A 208 15.93 6.65 0.19
CA THR A 208 15.97 5.81 1.41
C THR A 208 14.76 4.91 1.52
N LEU A 209 15.01 3.62 1.76
CA LEU A 209 13.94 2.67 2.07
C LEU A 209 14.14 2.23 3.53
N SER A 210 13.08 2.28 4.33
CA SER A 210 13.19 1.91 5.77
C SER A 210 12.21 0.85 6.11
N LEU A 211 12.60 0.06 7.11
CA LEU A 211 11.74 -0.97 7.67
C LEU A 211 11.81 -0.83 9.19
N THR A 212 10.64 -0.74 9.83
CA THR A 212 10.53 -0.72 11.31
C THR A 212 9.53 -1.80 11.70
N ASP A 213 9.94 -2.66 12.63
CA ASP A 213 9.07 -3.72 13.16
C ASP A 213 8.60 -3.35 14.58
N LYS A 214 7.35 -2.91 14.71
CA LYS A 214 6.82 -2.49 16.01
C LYS A 214 6.58 -3.71 16.93
N ARG A 215 6.65 -4.93 16.38
CA ARG A 215 6.52 -6.15 17.22
C ARG A 215 7.77 -6.46 18.03
N THR A 216 8.92 -6.15 17.44
CA THR A 216 10.19 -6.47 18.01
C THR A 216 11.07 -5.22 18.25
N ASP A 217 10.64 -4.04 17.74
CA ASP A 217 11.41 -2.77 17.73
C ASP A 217 12.60 -2.71 16.72
N GLU A 218 12.79 -3.77 15.94
CA GLU A 218 13.89 -3.86 15.00
C GLU A 218 13.68 -2.81 13.91
N ALA A 219 14.77 -2.27 13.38
CA ALA A 219 14.72 -1.21 12.40
C ALA A 219 15.98 -1.20 11.58
N ILE A 220 15.85 -0.81 10.32
CA ILE A 220 16.94 -0.71 9.38
C ILE A 220 16.57 0.32 8.31
N GLU A 221 17.59 0.97 7.73
CA GLU A 221 17.46 1.84 6.55
C GLU A 221 18.47 1.43 5.50
N PHE A 222 18.06 1.59 4.23
CA PHE A 222 18.91 1.36 3.04
C PHE A 222 18.88 2.58 2.15
N HIS A 223 20.06 2.95 1.60
CA HIS A 223 20.17 4.10 0.70
C HIS A 223 21.45 3.89 -0.10
N TYR A 224 21.33 3.88 -1.42
CA TYR A 224 22.48 3.72 -2.30
C TYR A 224 22.65 4.97 -3.15
N GLU A 225 23.72 5.73 -2.87
CA GLU A 225 24.03 6.98 -3.60
C GLU A 225 24.68 6.61 -4.91
N ASN A 226 24.50 7.38 -5.98
CA ASN A 226 25.08 6.93 -7.29
C ASN A 226 25.89 7.90 -8.19
#